data_5O7T
#
_entry.id   5O7T
#
_cell.length_a   109.476
_cell.length_b   109.476
_cell.length_c   91.390
_cell.angle_alpha   90.00
_cell.angle_beta   90.00
_cell.angle_gamma   120.00
#
_symmetry.space_group_name_H-M   'P 31 2 1'
#
loop_
_entity.id
_entity.type
_entity.pdbx_description
1 polymer 'DNA polymerase I, thermostable'
2 polymer 'DNA primer'
3 polymer 'DNA template'
4 non-polymer 'MAGNESIUM ION'
5 non-polymer "2'-DEOXYCYTIDINE-5'-TRIPHOSPHATE"
6 non-polymer GLYCEROL
7 water water
#
loop_
_entity_poly.entity_id
_entity_poly.type
_entity_poly.pdbx_seq_one_letter_code
_entity_poly.pdbx_strand_id
1 'polypeptide(L)'
;ALEEAPWPPPEGAFVGFVLSRKEPMWADLLALAAARGGRVHRAPEPYKALRDLKEARGLLAKDLSVLALREGLGLPPGDD
PMLLAYLLDPSNTTPEGVARRYGGEWTEEAGERAALSERLFANLWGRLEGEERLLWLYREVERPLSAVLAHMEATGVRLD
VAYLRALSLEVAEEIARLEAEVFRLAGHPFNLNSRDQLERVLFDELGLPAIGKTEKTGKRSTSAAVLEALREAHPIVEKI
LQYRELTKLKSTYIDPLPDLIHPRTGRLHTRFNQTATATGRLSSSDPNLQNIPVRTPLGQRIRRAFIAEEGWLLVALDYS
QIELRVLAHLSGDENLIRVFQEGRDIHTETASWMFGVPREAVDPLMRRAAKTINFGVLYGMSAHRLSQELAIPYEEAQAF
IERYFQSFPKVRAWIEKTLEEGRRRGYVETLFGRRRYVPDLEARVKSVREAAERKAFNMPVQGTAADLMKLAMVKLFPRL
EEMGARMLLQVHDELVLEAPKERAEAVARLAKEVMEGVYPLAVPLEVEVGIGEDWLSAKE
;
A
2 'polydeoxyribonucleotide' (DG)(DA)(DC)(DC)(DA)(DC)(DG)(DG)(DC)(DG)(DC)(DDG) B
3 'polydeoxyribonucleotide' (DA)(DA)(DA)(DG)(DC)(DG)(DC)(DG)(DC)(DC)(DG)(DT)(DG)(DG)(DT)(DC) C
#
loop_
_chem_comp.id
_chem_comp.type
_chem_comp.name
_chem_comp.formula
DA DNA linking 2'-DEOXYADENOSINE-5'-MONOPHOSPHATE 'C10 H14 N5 O6 P'
DC DNA linking 2'-DEOXYCYTIDINE-5'-MONOPHOSPHATE 'C9 H14 N3 O7 P'
DCP non-polymer 2'-DEOXYCYTIDINE-5'-TRIPHOSPHATE 'C9 H16 N3 O13 P3'
DDG DNA linking 2',3'-DIDEOXY-GUANOSINE-5'-MONOPHOSPHATE 'C10 H14 N5 O6 P'
DG DNA linking 2'-DEOXYGUANOSINE-5'-MONOPHOSPHATE 'C10 H14 N5 O7 P'
DT DNA linking THYMIDINE-5'-MONOPHOSPHATE 'C10 H15 N2 O8 P'
GOL non-polymer GLYCEROL 'C3 H8 O3'
MG non-polymer 'MAGNESIUM ION' 'Mg 2'
#
# COMPACT_ATOMS: atom_id res chain seq x y z
N ALA A 1 32.21 -5.75 21.78
CA ALA A 1 33.59 -6.17 22.02
C ALA A 1 34.47 -5.85 20.82
N LEU A 2 33.98 -4.99 19.94
CA LEU A 2 34.73 -4.58 18.77
C LEU A 2 35.71 -3.48 19.14
N GLU A 3 36.90 -3.53 18.54
CA GLU A 3 37.93 -2.55 18.83
C GLU A 3 37.44 -1.14 18.53
N GLU A 4 37.42 -0.30 19.56
CA GLU A 4 37.08 1.09 19.36
C GLU A 4 38.12 1.75 18.47
N ALA A 5 37.66 2.35 17.38
CA ALA A 5 38.51 3.03 16.42
C ALA A 5 38.00 4.45 16.23
N PRO A 6 38.87 5.38 15.80
CA PRO A 6 38.44 6.77 15.61
C PRO A 6 37.57 6.96 14.37
N TRP A 7 36.60 7.87 14.50
CA TRP A 7 35.82 8.32 13.36
C TRP A 7 36.73 9.13 12.43
N PRO A 8 36.59 8.98 11.09
CA PRO A 8 35.57 8.24 10.32
C PRO A 8 35.86 6.77 10.07
N PRO A 9 34.82 6.04 9.67
CA PRO A 9 35.02 4.65 9.28
C PRO A 9 35.60 4.58 7.89
N PRO A 10 36.24 3.47 7.54
CA PRO A 10 36.66 3.27 6.16
C PRO A 10 35.45 3.13 5.25
N GLU A 11 35.69 3.32 3.95
CA GLU A 11 34.65 3.14 2.96
C GLU A 11 34.02 1.76 3.13
N GLY A 12 32.72 1.68 2.85
CA GLY A 12 32.03 0.42 2.85
C GLY A 12 31.69 -0.16 4.22
N ALA A 13 31.93 0.56 5.30
CA ALA A 13 31.55 0.06 6.62
C ALA A 13 30.04 0.05 6.75
N PHE A 14 29.54 -0.73 7.72
CA PHE A 14 28.12 -0.79 8.05
C PHE A 14 27.74 0.27 9.09
N VAL A 15 26.63 0.92 8.87
CA VAL A 15 26.23 2.03 9.72
C VAL A 15 25.25 1.54 10.76
N GLY A 16 25.26 2.19 11.90
CA GLY A 16 24.19 2.06 12.87
C GLY A 16 23.78 3.45 13.31
N PHE A 17 22.52 3.58 13.69
CA PHE A 17 22.08 4.91 14.08
C PHE A 17 20.84 4.82 14.94
N VAL A 18 20.65 5.84 15.76
CA VAL A 18 19.49 5.94 16.64
C VAL A 18 18.75 7.22 16.33
N LEU A 19 17.44 7.11 16.24
CA LEU A 19 16.56 8.23 15.94
C LEU A 19 15.69 8.53 17.14
N SER A 20 15.39 9.81 17.34
CA SER A 20 14.49 10.18 18.43
C SER A 20 13.11 9.62 18.21
N ARG A 21 12.79 9.27 16.97
CA ARG A 21 11.46 8.78 16.64
C ARG A 21 11.56 8.13 15.28
N LYS A 22 10.56 7.32 14.96
CA LYS A 22 10.72 6.39 13.85
C LYS A 22 10.66 7.09 12.49
N GLU A 23 10.04 8.26 12.38
CA GLU A 23 9.93 8.95 11.09
C GLU A 23 11.20 9.74 10.76
N PRO A 24 11.95 9.36 9.72
CA PRO A 24 13.22 10.07 9.44
C PRO A 24 13.03 11.56 9.14
N MET A 25 11.95 11.96 8.49
CA MET A 25 11.78 13.40 8.26
C MET A 25 11.58 14.20 9.54
N TRP A 26 11.18 13.58 10.64
CA TRP A 26 10.92 14.28 11.89
C TRP A 26 11.95 14.00 12.98
N ALA A 27 12.84 13.04 12.79
CA ALA A 27 13.69 12.58 13.86
C ALA A 27 14.89 13.48 14.09
N ASP A 28 15.28 13.58 15.34
CA ASP A 28 16.62 14.00 15.73
C ASP A 28 17.56 12.82 15.57
N LEU A 29 18.69 13.04 14.88
CA LEU A 29 19.70 11.98 14.74
C LEU A 29 20.53 11.96 16.02
N LEU A 30 20.27 10.97 16.88
CA LEU A 30 20.80 10.95 18.24
C LEU A 30 22.19 10.38 18.34
N ALA A 31 22.50 9.39 17.50
CA ALA A 31 23.80 8.73 17.56
C ALA A 31 24.04 8.04 16.24
N LEU A 32 25.31 7.91 15.87
CA LEU A 32 25.72 7.42 14.56
C LEU A 32 27.01 6.63 14.72
N ALA A 33 27.03 5.39 14.25
CA ALA A 33 28.17 4.51 14.46
C ALA A 33 28.38 3.70 13.20
N ALA A 34 29.60 3.17 13.05
CA ALA A 34 29.96 2.40 11.87
C ALA A 34 30.81 1.22 12.33
N ALA A 35 30.77 0.14 11.55
CA ALA A 35 31.43 -1.09 11.92
C ALA A 35 32.07 -1.67 10.68
N ARG A 36 33.33 -2.12 10.80
CA ARG A 36 34.02 -2.81 9.71
C ARG A 36 35.33 -3.38 10.25
N GLY A 37 35.69 -4.57 9.76
CA GLY A 37 37.01 -5.12 10.00
C GLY A 37 37.34 -5.36 11.45
N GLY A 38 36.35 -5.75 12.25
CA GLY A 38 36.55 -5.92 13.67
C GLY A 38 36.61 -4.63 14.46
N ARG A 39 36.28 -3.50 13.84
CA ARG A 39 36.30 -2.21 14.50
C ARG A 39 34.90 -1.63 14.51
N VAL A 40 34.58 -0.90 15.58
CA VAL A 40 33.40 -0.05 15.62
C VAL A 40 33.89 1.40 15.75
N HIS A 41 33.35 2.28 14.92
CA HIS A 41 33.64 3.71 15.01
C HIS A 41 32.38 4.46 15.44
N ARG A 42 32.50 5.23 16.50
CA ARG A 42 31.37 5.99 17.01
C ARG A 42 31.57 7.47 16.71
N ALA A 43 30.54 8.13 16.20
CA ALA A 43 30.70 9.50 15.74
C ALA A 43 30.63 10.46 16.93
N PRO A 44 31.58 11.41 17.05
CA PRO A 44 31.46 12.42 18.12
C PRO A 44 30.19 13.24 18.04
N GLU A 45 29.90 13.85 16.89
CA GLU A 45 28.68 14.62 16.70
C GLU A 45 27.94 14.03 15.51
N PRO A 46 26.76 13.42 15.71
CA PRO A 46 26.18 12.61 14.63
C PRO A 46 25.87 13.39 13.38
N TYR A 47 25.40 14.64 13.51
CA TYR A 47 25.01 15.33 12.28
C TYR A 47 26.21 15.62 11.42
N LYS A 48 27.29 16.10 12.02
CA LYS A 48 28.49 16.42 11.26
C LYS A 48 29.07 15.17 10.63
N ALA A 49 29.07 14.08 11.40
CA ALA A 49 29.63 12.80 10.94
C ALA A 49 28.91 12.26 9.70
N LEU A 50 27.64 12.65 9.48
CA LEU A 50 26.94 12.27 8.23
C LEU A 50 27.69 12.74 6.99
N ARG A 51 28.43 13.84 7.09
CA ARG A 51 29.07 14.39 5.90
C ARG A 51 30.19 13.48 5.41
N ASP A 52 30.63 12.54 6.23
CA ASP A 52 31.77 11.70 5.88
C ASP A 52 31.35 10.40 5.19
N LEU A 53 30.10 9.96 5.33
CA LEU A 53 29.68 8.73 4.68
C LEU A 53 29.44 8.97 3.20
N LYS A 54 29.82 7.99 2.39
CA LYS A 54 29.50 7.96 0.98
C LYS A 54 28.18 7.23 0.73
N GLU A 55 27.79 6.30 1.60
CA GLU A 55 26.50 5.63 1.44
C GLU A 55 26.00 5.18 2.79
N ALA A 56 24.71 4.91 2.88
CA ALA A 56 24.12 4.27 4.04
C ALA A 56 23.99 2.77 3.77
N ARG A 57 24.70 1.96 4.55
CA ARG A 57 24.83 0.53 4.33
C ARG A 57 24.54 -0.15 5.67
N GLY A 58 23.38 -0.76 5.81
CA GLY A 58 23.04 -1.40 7.06
C GLY A 58 21.54 -1.44 7.30
N LEU A 59 21.18 -1.87 8.51
CA LEU A 59 19.78 -2.04 8.84
C LEU A 59 19.11 -0.69 8.68
N LEU A 60 17.96 -0.68 8.00
CA LEU A 60 17.12 0.51 7.83
C LEU A 60 17.89 1.61 7.10
N ALA A 61 18.75 1.22 6.16
CA ALA A 61 19.53 2.23 5.43
C ALA A 61 18.68 3.36 4.89
N LYS A 62 17.53 3.01 4.33
CA LYS A 62 16.70 4.02 3.67
C LYS A 62 16.30 5.13 4.62
N ASP A 63 16.00 4.80 5.88
CA ASP A 63 15.63 5.83 6.86
C ASP A 63 16.77 6.83 7.11
N LEU A 64 17.98 6.34 7.36
CA LEU A 64 19.08 7.28 7.50
C LEU A 64 19.23 8.11 6.23
N SER A 65 19.09 7.48 5.05
CA SER A 65 19.27 8.23 3.80
C SER A 65 18.25 9.35 3.67
N VAL A 66 17.03 9.14 4.15
CA VAL A 66 16.03 10.20 4.09
C VAL A 66 16.42 11.33 4.99
N LEU A 67 16.91 11.01 6.19
CA LEU A 67 17.27 12.05 7.11
C LEU A 67 18.48 12.80 6.55
N ALA A 68 19.38 12.12 5.85
CA ALA A 68 20.46 12.86 5.20
C ALA A 68 19.92 13.78 4.12
N LEU A 69 19.04 13.28 3.26
CA LEU A 69 18.42 14.13 2.24
C LEU A 69 17.75 15.35 2.86
N ARG A 70 17.11 15.17 4.02
CA ARG A 70 16.45 16.30 4.65
C ARG A 70 17.47 17.39 5.00
N GLU A 71 18.71 16.99 5.29
CA GLU A 71 19.79 17.88 5.69
C GLU A 71 20.62 18.35 4.52
N GLY A 72 20.16 18.10 3.30
CA GLY A 72 20.86 18.54 2.11
C GLY A 72 22.02 17.67 1.71
N LEU A 73 22.08 16.41 2.17
CA LEU A 73 23.17 15.51 1.86
C LEU A 73 22.67 14.37 0.99
N GLY A 74 23.43 14.04 -0.06
CA GLY A 74 23.15 12.84 -0.81
C GLY A 74 23.94 11.68 -0.27
N LEU A 75 23.22 10.80 0.38
CA LEU A 75 23.81 9.66 1.06
C LEU A 75 22.87 8.54 0.67
N PRO A 76 23.05 7.98 -0.52
CA PRO A 76 22.12 6.95 -0.98
C PRO A 76 22.21 5.72 -0.12
N PRO A 77 21.12 4.98 0.06
CA PRO A 77 21.20 3.68 0.73
C PRO A 77 21.77 2.64 -0.22
N GLY A 78 22.60 1.77 0.34
CA GLY A 78 23.09 0.58 -0.33
C GLY A 78 22.53 -0.65 0.35
N ASP A 79 23.38 -1.61 0.70
CA ASP A 79 22.93 -2.87 1.26
C ASP A 79 22.22 -2.68 2.58
N ASP A 80 21.18 -3.48 2.81
CA ASP A 80 20.38 -3.43 4.03
C ASP A 80 20.00 -4.87 4.31
N PRO A 81 20.55 -5.48 5.35
CA PRO A 81 20.13 -6.84 5.69
C PRO A 81 18.60 -7.02 5.75
N MET A 82 17.79 -6.00 6.13
CA MET A 82 16.33 -6.18 6.13
C MET A 82 15.80 -6.62 4.77
N LEU A 83 16.38 -6.05 3.71
CA LEU A 83 15.96 -6.40 2.34
C LEU A 83 16.29 -7.84 2.01
N LEU A 84 17.47 -8.30 2.45
CA LEU A 84 17.83 -9.71 2.23
C LEU A 84 16.84 -10.62 2.97
N ALA A 85 16.57 -10.31 4.24
CA ALA A 85 15.70 -11.17 5.02
C ALA A 85 14.29 -11.16 4.44
N TYR A 86 13.86 -9.99 3.95
CA TYR A 86 12.50 -9.84 3.41
C TYR A 86 12.32 -10.64 2.12
N LEU A 87 13.36 -10.72 1.28
CA LEU A 87 13.27 -11.60 0.10
C LEU A 87 13.32 -13.07 0.50
N LEU A 88 14.13 -13.43 1.48
CA LEU A 88 14.15 -14.82 1.95
C LEU A 88 12.80 -15.23 2.49
N ASP A 89 12.16 -14.36 3.26
CA ASP A 89 10.85 -14.68 3.84
C ASP A 89 10.14 -13.38 4.20
N PRO A 90 9.08 -12.98 3.50
CA PRO A 90 8.53 -11.65 3.79
C PRO A 90 7.84 -11.56 5.14
N SER A 91 7.85 -12.63 5.95
CA SER A 91 7.53 -12.51 7.36
C SER A 91 8.61 -11.74 8.12
N ASN A 92 9.78 -11.56 7.52
CA ASN A 92 10.90 -10.82 8.10
C ASN A 92 10.63 -9.36 7.87
N THR A 93 9.93 -8.71 8.83
CA THR A 93 9.50 -7.32 8.64
C THR A 93 10.13 -6.30 9.59
N THR A 94 10.79 -6.72 10.66
CA THR A 94 11.32 -5.76 11.62
C THR A 94 12.72 -6.17 12.03
N PRO A 95 13.54 -5.21 12.43
CA PRO A 95 14.87 -5.57 12.90
C PRO A 95 14.84 -6.46 14.13
N GLU A 96 13.90 -6.23 15.07
CA GLU A 96 13.83 -7.06 16.26
C GLU A 96 13.76 -8.54 15.88
N GLY A 97 12.84 -8.88 14.97
CA GLY A 97 12.64 -10.28 14.60
C GLY A 97 13.77 -10.84 13.75
N VAL A 98 14.28 -10.03 12.83
CA VAL A 98 15.38 -10.49 11.99
C VAL A 98 16.61 -10.78 12.83
N ALA A 99 16.91 -9.92 13.80
CA ALA A 99 18.12 -10.08 14.60
C ALA A 99 18.09 -11.40 15.36
N ARG A 100 16.94 -11.73 15.95
CA ARG A 100 16.86 -12.94 16.73
C ARG A 100 16.88 -14.17 15.83
N ARG A 101 16.32 -14.04 14.62
CA ARG A 101 16.31 -15.18 13.70
C ARG A 101 17.69 -15.49 13.12
N TYR A 102 18.50 -14.47 12.85
CA TYR A 102 19.73 -14.70 12.12
C TYR A 102 20.97 -14.32 12.92
N GLY A 103 20.84 -14.10 14.23
CA GLY A 103 22.01 -14.16 15.08
C GLY A 103 22.48 -12.88 15.74
N GLY A 104 21.61 -12.20 16.48
CA GLY A 104 22.01 -11.02 17.22
C GLY A 104 20.83 -10.43 17.96
N GLU A 105 21.01 -9.19 18.43
CA GLU A 105 19.96 -8.47 19.17
C GLU A 105 19.86 -7.03 18.70
N TRP A 106 18.65 -6.59 18.33
CA TRP A 106 18.37 -5.19 18.02
C TRP A 106 18.24 -4.40 19.33
N THR A 107 19.25 -3.63 19.63
CA THR A 107 19.26 -2.78 20.81
C THR A 107 18.99 -1.33 20.41
N GLU A 108 19.20 -0.42 21.34
CA GLU A 108 18.95 0.99 21.10
C GLU A 108 20.26 1.78 21.11
N GLU A 109 21.35 1.16 20.65
CA GLU A 109 22.67 1.78 20.69
C GLU A 109 23.31 1.70 19.31
N ALA A 110 23.74 2.85 18.80
CA ALA A 110 24.18 2.93 17.42
C ALA A 110 25.27 1.95 17.14
N GLY A 111 26.26 1.88 18.03
CA GLY A 111 27.37 0.98 17.80
C GLY A 111 26.95 -0.47 17.73
N GLU A 112 26.05 -0.88 18.62
CA GLU A 112 25.55 -2.26 18.57
C GLU A 112 24.72 -2.47 17.30
N ARG A 113 23.99 -1.46 16.85
CA ARG A 113 23.26 -1.60 15.59
C ARG A 113 24.22 -1.73 14.42
N ALA A 114 25.32 -1.00 14.46
CA ALA A 114 26.32 -1.12 13.40
C ALA A 114 26.91 -2.51 13.39
N ALA A 115 27.31 -3.02 14.55
CA ALA A 115 27.90 -4.36 14.57
C ALA A 115 26.89 -5.37 14.07
N LEU A 116 25.64 -5.23 14.52
CA LEU A 116 24.61 -6.18 14.15
C LEU A 116 24.40 -6.20 12.64
N SER A 117 24.39 -5.00 12.03
CA SER A 117 24.22 -4.90 10.58
C SER A 117 25.29 -5.70 9.85
N GLU A 118 26.53 -5.62 10.33
CA GLU A 118 27.66 -6.28 9.67
C GLU A 118 27.50 -7.80 9.72
N ARG A 119 27.26 -8.34 10.93
CA ARG A 119 27.00 -9.78 11.08
C ARG A 119 25.77 -10.19 10.27
N LEU A 120 24.63 -9.56 10.53
CA LEU A 120 23.41 -9.92 9.82
C LEU A 120 23.60 -9.87 8.32
N PHE A 121 24.40 -8.93 7.80
CA PHE A 121 24.63 -8.93 6.37
C PHE A 121 25.37 -10.18 5.93
N ALA A 122 26.46 -10.52 6.62
CA ALA A 122 27.21 -11.72 6.31
C ALA A 122 26.33 -12.97 6.32
N ASN A 123 25.60 -13.18 7.42
CA ASN A 123 24.80 -14.40 7.49
C ASN A 123 23.78 -14.46 6.36
N LEU A 124 23.02 -13.38 6.16
CA LEU A 124 21.91 -13.42 5.19
C LEU A 124 22.41 -13.49 3.75
N TRP A 125 23.51 -12.80 3.45
CA TRP A 125 24.09 -12.90 2.12
C TRP A 125 24.49 -14.34 1.83
N GLY A 126 24.90 -15.06 2.88
CA GLY A 126 25.21 -16.47 2.72
C GLY A 126 23.97 -17.32 2.54
N ARG A 127 22.93 -17.05 3.31
CA ARG A 127 21.67 -17.75 3.11
C ARG A 127 21.15 -17.52 1.69
N LEU A 128 21.56 -16.42 1.04
CA LEU A 128 21.12 -16.14 -0.33
C LEU A 128 22.07 -16.64 -1.39
N GLU A 129 23.25 -17.10 -1.02
CA GLU A 129 24.11 -17.73 -2.01
C GLU A 129 23.35 -18.86 -2.67
N GLY A 130 23.17 -18.75 -3.98
CA GLY A 130 22.52 -19.78 -4.75
C GLY A 130 21.11 -19.44 -5.16
N GLU A 131 20.49 -18.45 -4.51
CA GLU A 131 19.10 -18.09 -4.77
C GLU A 131 19.07 -17.05 -5.88
N GLU A 132 19.34 -17.50 -7.10
CA GLU A 132 19.61 -16.56 -8.18
C GLU A 132 18.41 -15.69 -8.47
N ARG A 133 17.19 -16.19 -8.29
CA ARG A 133 16.06 -15.33 -8.60
C ARG A 133 15.89 -14.25 -7.54
N LEU A 134 16.09 -14.63 -6.27
CA LEU A 134 16.01 -13.65 -5.19
C LEU A 134 17.19 -12.69 -5.25
N LEU A 135 18.37 -13.18 -5.61
CA LEU A 135 19.50 -12.27 -5.76
C LEU A 135 19.21 -11.25 -6.84
N TRP A 136 18.60 -11.69 -7.94
CA TRP A 136 18.24 -10.77 -9.00
C TRP A 136 17.22 -9.75 -8.51
N LEU A 137 16.21 -10.19 -7.76
CA LEU A 137 15.27 -9.23 -7.18
C LEU A 137 15.99 -8.23 -6.30
N TYR A 138 17.01 -8.67 -5.55
CA TYR A 138 17.68 -7.76 -4.61
C TYR A 138 18.49 -6.72 -5.36
N ARG A 139 19.34 -7.18 -6.30
CA ARG A 139 20.19 -6.28 -7.09
C ARG A 139 19.39 -5.40 -8.03
N GLU A 140 18.39 -5.95 -8.70
CA GLU A 140 17.78 -5.18 -9.78
C GLU A 140 16.50 -4.48 -9.35
N VAL A 141 15.93 -4.83 -8.20
CA VAL A 141 14.69 -4.20 -7.77
C VAL A 141 14.86 -3.57 -6.40
N GLU A 142 14.99 -4.40 -5.36
CA GLU A 142 14.80 -3.90 -4.01
C GLU A 142 15.93 -2.93 -3.60
N ARG A 143 17.18 -3.29 -3.87
CA ARG A 143 18.24 -2.40 -3.43
C ARG A 143 18.22 -1.07 -4.17
N PRO A 144 18.09 -1.03 -5.50
CA PRO A 144 17.95 0.27 -6.16
C PRO A 144 16.62 0.94 -5.87
N LEU A 145 15.54 0.18 -5.61
CA LEU A 145 14.29 0.86 -5.28
C LEU A 145 14.44 1.68 -4.00
N SER A 146 15.22 1.20 -3.04
CA SER A 146 15.25 1.91 -1.78
C SER A 146 15.75 3.32 -1.99
N ALA A 147 16.62 3.51 -2.98
CA ALA A 147 17.13 4.84 -3.30
C ALA A 147 16.00 5.73 -3.80
N VAL A 148 15.15 5.18 -4.67
CA VAL A 148 14.00 5.91 -5.18
C VAL A 148 13.09 6.31 -4.04
N LEU A 149 12.79 5.36 -3.16
CA LEU A 149 11.88 5.62 -2.06
C LEU A 149 12.43 6.69 -1.16
N ALA A 150 13.77 6.71 -0.93
CA ALA A 150 14.33 7.75 -0.08
C ALA A 150 14.04 9.13 -0.66
N HIS A 151 14.20 9.27 -1.98
CA HIS A 151 13.94 10.55 -2.63
C HIS A 151 12.45 10.91 -2.56
N MET A 152 11.57 9.93 -2.79
CA MET A 152 10.14 10.24 -2.66
C MET A 152 9.82 10.76 -1.27
N GLU A 153 10.34 10.08 -0.24
CA GLU A 153 10.03 10.42 1.13
C GLU A 153 10.52 11.82 1.44
N ALA A 154 11.72 12.17 0.97
CA ALA A 154 12.30 13.49 1.31
C ALA A 154 11.64 14.61 0.51
N THR A 155 11.12 14.31 -0.69
CA THR A 155 10.42 15.32 -1.50
C THR A 155 9.06 15.69 -0.90
N GLY A 156 8.24 14.71 -0.60
CA GLY A 156 6.90 15.00 -0.05
C GLY A 156 5.98 15.58 -1.12
N VAL A 157 4.82 16.03 -0.67
CA VAL A 157 3.74 16.47 -1.55
C VAL A 157 3.09 17.67 -0.89
N ARG A 158 2.72 18.65 -1.73
CA ARG A 158 2.11 19.88 -1.28
C ARG A 158 0.66 19.61 -0.96
N LEU A 159 0.22 20.18 0.11
CA LEU A 159 -1.13 20.02 0.57
C LEU A 159 -1.76 21.39 0.74
N ASP A 160 -3.03 21.53 0.30
CA ASP A 160 -3.78 22.78 0.45
C ASP A 160 -4.38 22.83 1.86
N VAL A 161 -3.56 23.32 2.79
CA VAL A 161 -3.90 23.29 4.21
C VAL A 161 -5.11 24.16 4.50
N ALA A 162 -5.09 25.39 3.98
CA ALA A 162 -6.19 26.31 4.22
C ALA A 162 -7.52 25.72 3.81
N TYR A 163 -7.56 25.10 2.64
CA TYR A 163 -8.75 24.43 2.12
C TYR A 163 -9.27 23.40 3.13
N LEU A 164 -8.36 22.59 3.67
CA LEU A 164 -8.79 21.52 4.57
C LEU A 164 -9.27 22.06 5.91
N ARG A 165 -8.60 23.10 6.41
CA ARG A 165 -9.10 23.78 7.61
C ARG A 165 -10.52 24.28 7.39
N ALA A 166 -10.77 24.89 6.23
CA ALA A 166 -12.11 25.35 5.93
C ALA A 166 -13.07 24.16 5.87
N LEU A 167 -12.64 23.08 5.24
CA LEU A 167 -13.48 21.89 5.13
C LEU A 167 -13.82 21.31 6.51
N SER A 168 -12.85 21.30 7.43
CA SER A 168 -13.13 20.78 8.77
C SER A 168 -14.30 21.53 9.41
N LEU A 169 -14.39 22.85 9.18
CA LEU A 169 -15.48 23.60 9.82
C LEU A 169 -16.82 23.24 9.21
N GLU A 170 -16.90 23.12 7.88
CA GLU A 170 -18.16 22.72 7.27
CA GLU A 170 -18.17 22.71 7.26
C GLU A 170 -18.54 21.32 7.73
N VAL A 171 -17.61 20.37 7.61
CA VAL A 171 -17.93 18.98 7.93
C VAL A 171 -18.43 18.86 9.37
N ALA A 172 -17.78 19.58 10.30
CA ALA A 172 -18.22 19.52 11.69
C ALA A 172 -19.68 19.91 11.80
N GLU A 173 -20.10 20.96 11.11
CA GLU A 173 -21.48 21.38 11.20
C GLU A 173 -22.41 20.27 10.72
N GLU A 174 -22.02 19.53 9.67
CA GLU A 174 -22.89 18.47 9.19
C GLU A 174 -22.91 17.29 10.16
N ILE A 175 -21.78 17.00 10.83
CA ILE A 175 -21.74 15.94 11.84
C ILE A 175 -22.68 16.26 12.98
N ALA A 176 -22.71 17.53 13.42
CA ALA A 176 -23.56 17.88 14.55
C ALA A 176 -25.04 17.78 14.21
N ARG A 177 -25.43 18.13 12.97
CA ARG A 177 -26.81 17.92 12.52
C ARG A 177 -27.16 16.44 12.49
N LEU A 178 -26.30 15.63 11.88
CA LEU A 178 -26.57 14.20 11.84
C LEU A 178 -26.64 13.61 13.25
N GLU A 179 -25.76 14.08 14.14
CA GLU A 179 -25.74 13.54 15.51
C GLU A 179 -27.01 13.90 16.23
N ALA A 180 -27.43 15.17 16.11
CA ALA A 180 -28.68 15.58 16.73
C ALA A 180 -29.83 14.70 16.23
N GLU A 181 -29.85 14.41 14.93
CA GLU A 181 -30.94 13.60 14.40
C GLU A 181 -30.87 12.17 14.94
N VAL A 182 -29.67 11.64 15.09
CA VAL A 182 -29.54 10.30 15.64
C VAL A 182 -30.06 10.27 17.07
N PHE A 183 -29.62 11.24 17.89
CA PHE A 183 -30.05 11.26 19.29
C PHE A 183 -31.57 11.37 19.39
N ARG A 184 -32.18 12.16 18.51
CA ARG A 184 -33.62 12.28 18.56
C ARG A 184 -34.28 10.93 18.29
N LEU A 185 -33.91 10.29 17.17
CA LEU A 185 -34.51 9.02 16.81
C LEU A 185 -34.29 7.94 17.84
N ALA A 186 -33.24 8.04 18.64
CA ALA A 186 -33.00 7.10 19.73
C ALA A 186 -33.64 7.54 21.03
N GLY A 187 -34.05 8.80 21.12
CA GLY A 187 -34.69 9.29 22.32
C GLY A 187 -33.74 9.69 23.43
N HIS A 188 -32.45 9.68 23.20
CA HIS A 188 -31.50 10.17 24.20
C HIS A 188 -30.14 10.32 23.55
N PRO A 189 -29.23 11.07 24.17
CA PRO A 189 -27.84 11.13 23.70
C PRO A 189 -27.03 9.95 24.21
N PHE A 190 -25.90 9.73 23.52
CA PHE A 190 -24.92 8.71 23.84
C PHE A 190 -23.79 8.91 22.83
N ASN A 191 -22.71 8.17 23.03
CA ASN A 191 -21.50 8.33 22.21
C ASN A 191 -21.69 7.48 20.97
N LEU A 192 -22.02 8.14 19.86
CA LEU A 192 -22.13 7.46 18.58
C LEU A 192 -20.82 6.80 18.15
N ASN A 193 -19.69 7.24 18.70
CA ASN A 193 -18.40 6.63 18.35
C ASN A 193 -18.13 5.34 19.12
N SER A 194 -18.91 5.06 20.15
CA SER A 194 -18.74 3.83 20.88
C SER A 194 -19.62 2.77 20.24
N ARG A 195 -18.99 1.77 19.61
CA ARG A 195 -19.81 0.71 18.99
C ARG A 195 -20.55 -0.08 20.04
N ASP A 196 -20.01 -0.13 21.26
CA ASP A 196 -20.72 -0.85 22.32
C ASP A 196 -22.02 -0.14 22.66
N GLN A 197 -21.97 1.19 22.83
CA GLN A 197 -23.20 1.92 23.15
C GLN A 197 -24.17 1.86 21.99
N LEU A 198 -23.68 1.94 20.75
CA LEU A 198 -24.57 1.88 19.60
C LEU A 198 -25.25 0.52 19.48
N GLU A 199 -24.51 -0.56 19.73
CA GLU A 199 -25.08 -1.90 19.72
C GLU A 199 -26.30 -1.96 20.64
N ARG A 200 -26.14 -1.51 21.87
CA ARG A 200 -27.25 -1.51 22.83
C ARG A 200 -28.44 -0.74 22.27
N VAL A 201 -28.18 0.45 21.72
CA VAL A 201 -29.28 1.26 21.23
C VAL A 201 -30.00 0.57 20.08
N LEU A 202 -29.24 0.01 19.15
CA LEU A 202 -29.86 -0.45 17.93
C LEU A 202 -30.62 -1.74 18.16
N PHE A 203 -30.07 -2.61 18.99
CA PHE A 203 -30.50 -3.99 19.04
C PHE A 203 -31.28 -4.33 20.31
N ASP A 204 -31.00 -3.62 21.40
CA ASP A 204 -31.78 -3.79 22.63
C ASP A 204 -32.93 -2.79 22.64
N GLU A 205 -32.61 -1.49 22.66
CA GLU A 205 -33.65 -0.47 22.71
C GLU A 205 -34.58 -0.51 21.51
N LEU A 206 -34.07 -0.23 20.31
CA LEU A 206 -34.90 -0.14 19.11
C LEU A 206 -35.30 -1.50 18.53
N GLY A 207 -34.85 -2.59 19.11
CA GLY A 207 -35.28 -3.92 18.70
C GLY A 207 -34.95 -4.32 17.29
N LEU A 208 -34.07 -3.57 16.63
CA LEU A 208 -33.72 -3.92 15.26
C LEU A 208 -33.06 -5.30 15.24
N PRO A 209 -33.17 -6.02 14.12
CA PRO A 209 -32.52 -7.33 14.03
C PRO A 209 -31.00 -7.21 14.00
N ALA A 210 -30.34 -8.21 14.57
CA ALA A 210 -28.89 -8.29 14.60
C ALA A 210 -28.43 -9.32 13.58
N ILE A 211 -27.83 -8.86 12.50
CA ILE A 211 -27.56 -9.77 11.40
C ILE A 211 -26.34 -10.63 11.70
N GLY A 212 -25.33 -10.05 12.34
CA GLY A 212 -24.04 -10.71 12.45
C GLY A 212 -23.32 -10.32 13.71
N LYS A 213 -22.28 -11.10 13.99
CA LYS A 213 -21.51 -10.95 15.21
C LYS A 213 -20.04 -10.73 14.91
N THR A 214 -19.38 -10.08 15.88
CA THR A 214 -17.97 -9.73 15.72
C THR A 214 -17.08 -10.95 15.99
N GLU A 215 -15.86 -10.88 15.46
CA GLU A 215 -15.03 -12.07 15.37
C GLU A 215 -14.54 -12.50 16.74
N LYS A 216 -13.83 -11.63 17.46
CA LYS A 216 -13.14 -12.07 18.66
C LYS A 216 -14.06 -12.17 19.87
N THR A 217 -15.03 -11.27 20.01
CA THR A 217 -15.79 -11.21 21.23
C THR A 217 -17.25 -11.57 21.06
N GLY A 218 -17.75 -11.73 19.84
CA GLY A 218 -19.11 -12.20 19.65
C GLY A 218 -20.15 -11.16 20.00
N LYS A 219 -19.79 -9.88 19.87
CA LYS A 219 -20.80 -8.88 20.01
C LYS A 219 -21.65 -8.85 18.75
N ARG A 220 -22.84 -8.31 18.89
CA ARG A 220 -23.66 -8.00 17.73
C ARG A 220 -23.00 -6.89 16.97
N SER A 221 -22.65 -7.16 15.71
CA SER A 221 -21.86 -6.20 14.91
C SER A 221 -22.70 -5.00 14.48
N THR A 222 -22.02 -3.84 14.36
CA THR A 222 -22.61 -2.60 13.88
C THR A 222 -21.89 -2.15 12.61
N SER A 223 -21.30 -3.10 11.91
CA SER A 223 -20.55 -2.78 10.71
C SER A 223 -21.48 -2.24 9.62
N ALA A 224 -20.86 -1.49 8.70
CA ALA A 224 -21.56 -0.95 7.54
C ALA A 224 -22.34 -2.04 6.83
N ALA A 225 -21.74 -3.22 6.73
CA ALA A 225 -22.40 -4.30 5.99
C ALA A 225 -23.68 -4.74 6.69
N VAL A 226 -23.64 -4.82 8.03
CA VAL A 226 -24.83 -5.14 8.82
C VAL A 226 -25.81 -4.00 8.81
N LEU A 227 -25.33 -2.76 8.80
CA LEU A 227 -26.28 -1.66 8.84
C LEU A 227 -26.89 -1.39 7.48
N GLU A 228 -26.12 -1.64 6.41
CA GLU A 228 -26.67 -1.50 5.08
C GLU A 228 -27.85 -2.44 4.90
N ALA A 229 -27.70 -3.66 5.40
CA ALA A 229 -28.81 -4.59 5.44
C ALA A 229 -30.07 -3.83 5.85
N LEU A 230 -30.14 -3.42 7.12
CA LEU A 230 -31.39 -2.90 7.67
C LEU A 230 -31.48 -1.39 7.57
N ARG A 231 -31.22 -0.84 6.38
CA ARG A 231 -31.15 0.61 6.21
C ARG A 231 -32.52 1.25 5.99
N GLU A 232 -33.58 0.46 5.94
CA GLU A 232 -34.94 0.98 5.96
C GLU A 232 -35.75 0.46 7.14
N ALA A 233 -35.30 -0.62 7.78
CA ALA A 233 -35.89 -1.12 9.01
C ALA A 233 -35.75 -0.09 10.12
N HIS A 234 -35.11 1.04 9.82
CA HIS A 234 -35.17 2.24 10.62
C HIS A 234 -34.42 3.37 9.92
N PRO A 235 -34.87 4.62 10.01
CA PRO A 235 -34.10 5.71 9.39
C PRO A 235 -32.92 6.17 10.23
N ILE A 236 -32.90 5.85 11.52
CA ILE A 236 -31.72 6.15 12.33
C ILE A 236 -30.48 5.55 11.69
N VAL A 237 -30.64 4.39 11.05
CA VAL A 237 -29.50 3.69 10.49
C VAL A 237 -28.89 4.51 9.36
N GLU A 238 -29.75 4.98 8.45
CA GLU A 238 -29.38 5.93 7.42
C GLU A 238 -28.46 7.04 7.93
N LYS A 239 -28.81 7.65 9.07
CA LYS A 239 -28.06 8.78 9.61
C LYS A 239 -26.73 8.30 10.16
N ILE A 240 -26.77 7.13 10.83
CA ILE A 240 -25.57 6.60 11.45
C ILE A 240 -24.51 6.33 10.39
N LEU A 241 -24.92 5.76 9.26
CA LEU A 241 -23.98 5.51 8.18
C LEU A 241 -23.38 6.81 7.66
N GLN A 242 -24.17 7.88 7.59
CA GLN A 242 -23.65 9.17 7.15
C GLN A 242 -22.74 9.77 8.20
N TYR A 243 -23.14 9.69 9.47
CA TYR A 243 -22.26 10.13 10.53
C TYR A 243 -20.96 9.36 10.48
N ARG A 244 -21.03 8.06 10.23
CA ARG A 244 -19.80 7.28 10.19
C ARG A 244 -18.90 7.79 9.10
N GLU A 245 -19.45 8.09 7.92
CA GLU A 245 -18.66 8.56 6.79
C GLU A 245 -17.93 9.87 7.12
N LEU A 246 -18.68 10.86 7.61
CA LEU A 246 -18.08 12.17 7.87
C LEU A 246 -17.04 12.07 8.96
N THR A 247 -17.33 11.37 10.06
CA THR A 247 -16.35 11.35 11.13
C THR A 247 -15.10 10.55 10.74
N LYS A 248 -15.26 9.47 10.00
CA LYS A 248 -14.10 8.75 9.47
C LYS A 248 -13.20 9.71 8.69
N LEU A 249 -13.80 10.51 7.83
CA LEU A 249 -13.02 11.39 6.98
C LEU A 249 -12.40 12.54 7.76
N LYS A 250 -13.15 13.14 8.67
CA LYS A 250 -12.59 14.23 9.46
C LYS A 250 -11.46 13.73 10.35
N SER A 251 -11.69 12.64 11.09
CA SER A 251 -10.69 12.20 12.08
C SER A 251 -9.45 11.58 11.44
N THR A 252 -9.57 11.02 10.24
CA THR A 252 -8.42 10.33 9.60
C THR A 252 -7.64 11.20 8.62
N TYR A 253 -8.27 12.15 7.96
CA TYR A 253 -7.63 12.92 6.89
C TYR A 253 -7.73 14.41 7.13
N ILE A 254 -8.96 14.95 7.30
CA ILE A 254 -9.16 16.40 7.26
C ILE A 254 -8.43 17.06 8.42
N ASP A 255 -8.56 16.51 9.61
CA ASP A 255 -7.96 17.18 10.75
C ASP A 255 -6.47 16.87 10.89
N PRO A 256 -6.04 15.65 10.74
CA PRO A 256 -4.63 15.38 11.03
C PRO A 256 -3.65 15.83 9.95
N LEU A 257 -4.02 15.84 8.69
CA LEU A 257 -3.02 16.00 7.64
C LEU A 257 -2.46 17.40 7.68
N PRO A 258 -3.29 18.44 7.87
CA PRO A 258 -2.73 19.79 7.92
C PRO A 258 -1.72 20.00 9.02
N ASP A 259 -1.81 19.28 10.12
CA ASP A 259 -0.81 19.45 11.18
C ASP A 259 0.47 18.67 10.90
N LEU A 260 0.64 18.04 9.73
CA LEU A 260 1.86 17.26 9.46
C LEU A 260 2.74 17.89 8.41
N ILE A 261 2.51 19.15 8.07
CA ILE A 261 3.37 19.84 7.13
C ILE A 261 4.71 20.07 7.79
N HIS A 262 5.80 19.84 7.06
CA HIS A 262 7.12 19.93 7.65
C HIS A 262 7.59 21.38 7.62
N PRO A 263 8.25 21.86 8.67
CA PRO A 263 8.72 23.27 8.65
C PRO A 263 9.66 23.62 7.50
N ARG A 264 10.58 22.74 7.17
CA ARG A 264 11.64 23.10 6.25
C ARG A 264 11.29 22.85 4.79
N THR A 265 10.36 21.94 4.51
CA THR A 265 9.95 21.68 3.14
C THR A 265 8.66 22.37 2.78
N GLY A 266 7.85 22.70 3.77
CA GLY A 266 6.50 23.11 3.49
C GLY A 266 5.59 22.04 2.95
N ARG A 267 6.00 20.77 2.95
CA ARG A 267 5.21 19.72 2.31
C ARG A 267 4.93 18.60 3.30
N LEU A 268 4.14 17.63 2.82
CA LEU A 268 3.69 16.48 3.59
C LEU A 268 4.52 15.24 3.21
N HIS A 269 5.07 14.55 4.21
CA HIS A 269 6.01 13.46 3.97
C HIS A 269 5.50 12.15 4.55
N THR A 270 5.22 11.18 3.67
CA THR A 270 4.90 9.83 4.08
C THR A 270 6.17 9.00 4.15
N ARG A 271 6.00 7.79 4.60
CA ARG A 271 7.04 6.78 4.60
C ARG A 271 6.58 5.63 3.76
N PHE A 272 7.47 5.13 2.90
CA PHE A 272 7.18 3.99 2.06
C PHE A 272 7.96 2.82 2.63
N ASN A 273 7.28 1.95 3.35
CA ASN A 273 7.89 0.81 4.02
C ASN A 273 8.09 -0.31 3.03
N GLN A 274 9.34 -0.72 2.93
CA GLN A 274 9.76 -1.63 1.91
C GLN A 274 9.75 -3.09 2.35
N THR A 275 9.62 -3.41 3.65
CA THR A 275 9.62 -4.78 4.15
C THR A 275 8.42 -4.98 5.09
N ALA A 276 7.23 -4.67 4.57
CA ALA A 276 6.07 -4.54 5.42
C ALA A 276 4.92 -5.47 5.08
N THR A 277 4.90 -6.08 3.87
CA THR A 277 3.78 -6.87 3.41
C THR A 277 4.19 -8.28 3.02
N ALA A 278 3.24 -9.21 3.13
CA ALA A 278 3.53 -10.60 2.80
C ALA A 278 3.63 -10.86 1.30
N THR A 279 3.19 -9.92 0.46
CA THR A 279 3.12 -10.17 -0.96
C THR A 279 4.16 -9.43 -1.79
N GLY A 280 4.97 -8.55 -1.19
CA GLY A 280 5.89 -7.74 -1.95
C GLY A 280 5.36 -6.36 -2.26
N ARG A 281 4.11 -6.07 -1.88
CA ARG A 281 3.68 -4.69 -1.96
C ARG A 281 4.50 -3.79 -1.01
N LEU A 282 4.57 -2.53 -1.37
CA LEU A 282 4.93 -1.49 -0.41
C LEU A 282 3.75 -1.21 0.54
N SER A 283 4.04 -0.53 1.64
CA SER A 283 2.98 0.10 2.41
C SER A 283 3.39 1.54 2.66
N SER A 284 2.48 2.34 3.20
CA SER A 284 2.75 3.76 3.43
C SER A 284 2.25 4.10 4.82
N SER A 285 3.00 4.91 5.58
CA SER A 285 2.59 5.21 6.93
C SER A 285 3.11 6.58 7.36
N ASP A 286 2.47 7.10 8.40
CA ASP A 286 2.90 8.28 9.14
C ASP A 286 3.05 9.51 8.25
N PRO A 287 2.02 9.88 7.51
CA PRO A 287 0.72 9.26 7.42
C PRO A 287 0.63 8.35 6.25
N ASN A 288 -0.35 7.45 6.25
CA ASN A 288 -0.62 6.62 5.07
C ASN A 288 -1.22 7.47 3.95
N LEU A 289 -0.49 7.60 2.83
CA LEU A 289 -0.96 8.32 1.67
C LEU A 289 -1.41 7.37 0.56
N GLN A 290 -1.44 6.09 0.85
CA GLN A 290 -2.02 5.12 -0.05
C GLN A 290 -3.50 4.84 0.24
N ASN A 291 -4.14 5.53 1.21
CA ASN A 291 -5.59 5.32 1.36
C ASN A 291 -6.32 6.65 1.39
N ILE A 292 -5.83 7.62 0.63
CA ILE A 292 -6.55 8.90 0.56
C ILE A 292 -7.90 8.69 -0.10
N PRO A 293 -8.98 9.31 0.41
CA PRO A 293 -10.32 9.02 -0.11
C PRO A 293 -10.46 9.31 -1.58
N VAL A 294 -11.38 8.57 -2.20
CA VAL A 294 -11.68 8.77 -3.62
C VAL A 294 -13.10 8.41 -4.00
N ARG A 295 -13.78 7.61 -3.18
CA ARG A 295 -15.07 7.02 -3.60
C ARG A 295 -16.20 8.04 -3.57
N THR A 296 -16.31 8.79 -2.50
CA THR A 296 -17.46 9.66 -2.30
C THR A 296 -17.15 11.12 -2.68
N PRO A 297 -18.18 11.97 -2.83
CA PRO A 297 -17.91 13.38 -3.18
C PRO A 297 -17.09 14.09 -2.13
N LEU A 298 -17.37 13.82 -0.85
CA LEU A 298 -16.55 14.39 0.22
C LEU A 298 -15.13 13.85 0.17
N GLY A 299 -14.97 12.54 -0.05
CA GLY A 299 -13.63 12.01 -0.23
C GLY A 299 -12.89 12.69 -1.35
N GLN A 300 -13.58 12.91 -2.47
CA GLN A 300 -12.94 13.58 -3.59
C GLN A 300 -12.54 15.00 -3.20
N ARG A 301 -13.38 15.68 -2.40
CA ARG A 301 -13.01 17.02 -1.94
C ARG A 301 -11.71 16.96 -1.17
N ILE A 302 -11.55 15.94 -0.33
CA ILE A 302 -10.30 15.77 0.40
C ILE A 302 -9.15 15.52 -0.56
N ARG A 303 -9.37 14.68 -1.55
CA ARG A 303 -8.30 14.35 -2.46
C ARG A 303 -7.81 15.59 -3.22
N ARG A 304 -8.72 16.54 -3.46
CA ARG A 304 -8.38 17.78 -4.18
C ARG A 304 -7.40 18.64 -3.41
N ALA A 305 -7.15 18.35 -2.14
CA ALA A 305 -6.19 19.11 -1.36
C ALA A 305 -4.75 18.78 -1.70
N PHE A 306 -4.51 17.69 -2.41
CA PHE A 306 -3.17 17.28 -2.79
C PHE A 306 -2.89 17.92 -4.13
N ILE A 307 -1.97 18.87 -4.13
CA ILE A 307 -1.80 19.77 -5.25
C ILE A 307 -0.35 19.86 -5.66
N ALA A 308 -0.14 20.46 -6.84
CA ALA A 308 1.19 20.69 -7.38
C ALA A 308 1.78 21.98 -6.84
N GLU A 309 3.09 21.97 -6.67
CA GLU A 309 3.80 23.21 -6.44
C GLU A 309 3.49 24.22 -7.54
N GLU A 310 3.54 25.48 -7.16
CA GLU A 310 3.34 26.58 -8.09
C GLU A 310 4.31 26.47 -9.27
N GLY A 311 3.77 26.56 -10.48
CA GLY A 311 4.59 26.33 -11.65
C GLY A 311 4.80 24.89 -12.02
N TRP A 312 4.18 23.94 -11.30
CA TRP A 312 4.29 22.53 -11.63
C TRP A 312 2.91 21.97 -11.91
N LEU A 313 2.88 20.71 -12.38
CA LEU A 313 1.64 19.95 -12.47
C LEU A 313 1.85 18.56 -11.92
N LEU A 314 0.78 17.98 -11.37
CA LEU A 314 0.81 16.58 -10.99
C LEU A 314 0.52 15.74 -12.22
N VAL A 315 1.21 14.61 -12.32
CA VAL A 315 0.95 13.59 -13.34
C VAL A 315 0.63 12.27 -12.64
N ALA A 316 -0.57 11.75 -12.86
CA ALA A 316 -1.03 10.50 -12.26
C ALA A 316 -1.15 9.41 -13.32
N LEU A 317 -0.50 8.27 -13.06
CA LEU A 317 -0.42 7.14 -13.98
C LEU A 317 -0.87 5.86 -13.27
N ASP A 318 -1.90 5.20 -13.79
CA ASP A 318 -2.52 4.09 -13.09
C ASP A 318 -2.70 2.94 -14.06
N TYR A 319 -2.14 1.77 -13.72
CA TYR A 319 -2.24 0.63 -14.60
C TYR A 319 -3.69 0.20 -14.73
N SER A 320 -4.07 -0.13 -15.95
CA SER A 320 -5.41 -0.60 -16.26
C SER A 320 -5.59 -2.05 -15.84
N GLN A 321 -6.67 -2.32 -15.13
CA GLN A 321 -7.10 -3.70 -14.80
C GLN A 321 -5.92 -4.59 -14.44
N ILE A 322 -5.06 -4.11 -13.56
CA ILE A 322 -3.70 -4.62 -13.58
C ILE A 322 -3.65 -6.08 -13.14
N GLU A 323 -4.34 -6.46 -12.04
CA GLU A 323 -4.15 -7.83 -11.62
C GLU A 323 -4.91 -8.81 -12.52
N LEU A 324 -5.90 -8.35 -13.29
CA LEU A 324 -6.51 -9.20 -14.31
C LEU A 324 -5.54 -9.45 -15.46
N ARG A 325 -4.81 -8.42 -15.89
CA ARG A 325 -3.81 -8.63 -16.91
C ARG A 325 -2.72 -9.58 -16.43
N VAL A 326 -2.26 -9.41 -15.20
CA VAL A 326 -1.29 -10.33 -14.62
C VAL A 326 -1.84 -11.75 -14.57
N LEU A 327 -3.09 -11.88 -14.13
CA LEU A 327 -3.74 -13.19 -14.12
C LEU A 327 -3.81 -13.78 -15.52
N ALA A 328 -4.16 -12.96 -16.50
CA ALA A 328 -4.12 -13.46 -17.88
C ALA A 328 -2.76 -14.07 -18.18
N HIS A 329 -1.68 -13.35 -17.85
CA HIS A 329 -0.35 -13.84 -18.19
C HIS A 329 0.00 -15.08 -17.38
N LEU A 330 -0.30 -15.07 -16.08
CA LEU A 330 0.13 -16.19 -15.23
C LEU A 330 -0.61 -17.45 -15.58
N SER A 331 -1.93 -17.34 -15.82
CA SER A 331 -2.74 -18.52 -16.06
C SER A 331 -2.69 -18.97 -17.51
N GLY A 332 -2.33 -18.09 -18.43
CA GLY A 332 -2.40 -18.43 -19.84
C GLY A 332 -3.80 -18.64 -20.38
N ASP A 333 -4.83 -18.06 -19.74
CA ASP A 333 -6.19 -18.26 -20.21
C ASP A 333 -6.39 -17.57 -21.55
N GLU A 334 -6.72 -18.36 -22.57
CA GLU A 334 -6.89 -17.82 -23.91
C GLU A 334 -7.94 -16.72 -23.90
N ASN A 335 -9.08 -16.96 -23.24
CA ASN A 335 -10.17 -15.98 -23.26
C ASN A 335 -9.78 -14.69 -22.58
N LEU A 336 -9.04 -14.81 -21.49
CA LEU A 336 -8.69 -13.62 -20.73
C LEU A 336 -7.67 -12.79 -21.48
N ILE A 337 -6.72 -13.45 -22.13
CA ILE A 337 -5.74 -12.74 -22.96
C ILE A 337 -6.44 -11.97 -24.07
N ARG A 338 -7.28 -12.67 -24.82
CA ARG A 338 -8.07 -12.05 -25.88
C ARG A 338 -8.78 -10.79 -25.38
N VAL A 339 -9.38 -10.85 -24.20
CA VAL A 339 -10.05 -9.70 -23.62
C VAL A 339 -9.19 -8.45 -23.75
N PHE A 340 -7.91 -8.57 -23.39
CA PHE A 340 -7.08 -7.39 -23.28
C PHE A 340 -6.42 -7.06 -24.61
N GLN A 341 -6.00 -8.09 -25.34
CA GLN A 341 -5.65 -7.88 -26.74
C GLN A 341 -6.78 -7.21 -27.52
N GLU A 342 -8.04 -7.42 -27.14
CA GLU A 342 -9.16 -6.74 -27.78
C GLU A 342 -9.52 -5.41 -27.11
N GLY A 343 -8.81 -4.99 -26.08
CA GLY A 343 -9.12 -3.70 -25.47
C GLY A 343 -10.43 -3.69 -24.70
N ARG A 344 -10.94 -4.84 -24.28
CA ARG A 344 -12.11 -4.89 -23.41
C ARG A 344 -11.77 -4.48 -21.97
N ASP A 345 -12.82 -4.12 -21.21
CA ASP A 345 -12.71 -3.68 -19.83
C ASP A 345 -13.71 -4.45 -18.98
N ILE A 346 -13.18 -5.33 -18.12
CA ILE A 346 -14.02 -6.21 -17.30
C ILE A 346 -14.70 -5.46 -16.17
N HIS A 347 -14.06 -4.42 -15.64
CA HIS A 347 -14.73 -3.60 -14.63
C HIS A 347 -15.97 -2.94 -15.23
N THR A 348 -15.84 -2.36 -16.43
CA THR A 348 -17.00 -1.79 -17.09
C THR A 348 -18.04 -2.86 -17.39
N GLU A 349 -17.60 -4.03 -17.85
CA GLU A 349 -18.55 -5.08 -18.20
C GLU A 349 -19.36 -5.51 -16.98
N THR A 350 -18.67 -5.80 -15.87
CA THR A 350 -19.37 -6.20 -14.67
C THR A 350 -20.28 -5.08 -14.17
N ALA A 351 -19.83 -3.83 -14.24
CA ALA A 351 -20.69 -2.72 -13.84
C ALA A 351 -21.94 -2.69 -14.70
N SER A 352 -21.80 -3.02 -15.99
CA SER A 352 -22.97 -3.07 -16.86
C SER A 352 -23.99 -4.06 -16.33
N TRP A 353 -23.54 -5.28 -15.98
CA TRP A 353 -24.42 -6.27 -15.39
C TRP A 353 -24.95 -5.79 -14.05
N MET A 354 -24.09 -5.21 -13.20
CA MET A 354 -24.55 -4.86 -11.86
C MET A 354 -25.70 -3.88 -11.92
N PHE A 355 -25.53 -2.80 -12.69
CA PHE A 355 -26.49 -1.71 -12.74
C PHE A 355 -27.41 -1.75 -13.96
N GLY A 356 -27.23 -2.71 -14.85
CA GLY A 356 -28.19 -2.96 -15.90
C GLY A 356 -28.22 -1.94 -17.00
N VAL A 357 -27.08 -1.33 -17.29
CA VAL A 357 -27.03 -0.28 -18.29
C VAL A 357 -26.02 -0.71 -19.34
N PRO A 358 -26.05 -0.11 -20.52
CA PRO A 358 -25.04 -0.41 -21.53
C PRO A 358 -23.67 0.07 -21.06
N ARG A 359 -22.64 -0.56 -21.61
CA ARG A 359 -21.28 -0.25 -21.21
C ARG A 359 -20.96 1.23 -21.43
N GLU A 360 -21.50 1.83 -22.50
CA GLU A 360 -21.34 3.27 -22.70
C GLU A 360 -22.06 4.09 -21.64
N ALA A 361 -22.93 3.45 -20.85
CA ALA A 361 -23.63 4.17 -19.80
C ALA A 361 -22.94 4.06 -18.44
N VAL A 362 -22.09 3.06 -18.24
CA VAL A 362 -21.41 2.93 -16.95
C VAL A 362 -20.67 4.22 -16.65
N ASP A 363 -20.95 4.77 -15.47
CA ASP A 363 -20.23 5.97 -15.06
C ASP A 363 -19.08 5.57 -14.13
N PRO A 364 -18.26 6.52 -13.71
CA PRO A 364 -17.11 6.18 -12.84
C PRO A 364 -17.48 5.57 -11.49
N LEU A 365 -18.47 6.10 -10.77
CA LEU A 365 -18.81 5.51 -9.48
C LEU A 365 -19.31 4.09 -9.65
N MET A 366 -19.89 3.79 -10.82
CA MET A 366 -20.37 2.44 -11.12
C MET A 366 -19.21 1.50 -11.41
N ARG A 367 -18.26 1.92 -12.25
CA ARG A 367 -17.15 1.05 -12.59
C ARG A 367 -16.35 0.70 -11.35
N ARG A 368 -16.06 1.70 -10.52
CA ARG A 368 -15.24 1.44 -9.34
C ARG A 368 -15.89 0.39 -8.46
N ALA A 369 -17.21 0.46 -8.30
CA ALA A 369 -17.93 -0.55 -7.54
C ALA A 369 -17.69 -1.96 -8.08
N ALA A 370 -17.65 -2.08 -9.40
CA ALA A 370 -17.49 -3.36 -10.03
C ALA A 370 -16.17 -4.00 -9.69
N LYS A 371 -15.20 -3.17 -9.25
CA LYS A 371 -13.85 -3.67 -8.96
C LYS A 371 -13.84 -4.62 -7.79
N THR A 372 -14.42 -4.20 -6.64
CA THR A 372 -14.51 -5.09 -5.49
C THR A 372 -15.23 -6.36 -5.82
N ILE A 373 -16.27 -6.27 -6.66
CA ILE A 373 -16.96 -7.48 -7.09
C ILE A 373 -16.02 -8.34 -7.90
N ASN A 374 -15.30 -7.72 -8.86
CA ASN A 374 -14.48 -8.52 -9.75
C ASN A 374 -13.32 -9.15 -8.99
N PHE A 375 -12.65 -8.37 -8.13
CA PHE A 375 -11.57 -8.96 -7.35
C PHE A 375 -12.15 -9.75 -6.18
N GLY A 376 -13.28 -9.30 -5.62
CA GLY A 376 -13.94 -10.14 -4.64
C GLY A 376 -14.12 -11.58 -5.12
N VAL A 377 -14.73 -11.74 -6.29
CA VAL A 377 -15.07 -13.07 -6.80
C VAL A 377 -13.81 -13.84 -7.13
N LEU A 378 -12.87 -13.19 -7.81
CA LEU A 378 -11.67 -13.86 -8.24
C LEU A 378 -10.96 -14.51 -7.07
N TYR A 379 -10.83 -13.78 -5.97
CA TYR A 379 -10.08 -14.25 -4.83
C TYR A 379 -10.95 -14.95 -3.79
N GLY A 380 -12.18 -15.30 -4.12
CA GLY A 380 -12.90 -16.35 -3.43
C GLY A 380 -14.08 -15.94 -2.56
N MET A 381 -14.65 -14.75 -2.76
CA MET A 381 -15.80 -14.29 -1.99
C MET A 381 -16.91 -15.34 -2.04
N SER A 382 -17.71 -15.40 -0.98
CA SER A 382 -18.80 -16.38 -0.96
C SER A 382 -20.05 -15.85 -1.67
N ALA A 383 -20.78 -16.77 -2.26
CA ALA A 383 -22.04 -16.39 -2.85
C ALA A 383 -22.90 -15.63 -1.85
N HIS A 384 -22.88 -16.06 -0.58
CA HIS A 384 -23.69 -15.35 0.39
C HIS A 384 -23.25 -13.91 0.52
N ARG A 385 -21.93 -13.68 0.59
CA ARG A 385 -21.45 -12.31 0.71
C ARG A 385 -21.80 -11.51 -0.55
N LEU A 386 -21.51 -12.08 -1.71
CA LEU A 386 -21.85 -11.42 -2.97
C LEU A 386 -23.34 -11.09 -3.03
N SER A 387 -24.16 -12.08 -2.71
CA SER A 387 -25.60 -11.88 -2.68
C SER A 387 -25.96 -10.66 -1.86
N GLN A 388 -25.31 -10.48 -0.73
CA GLN A 388 -25.71 -9.38 0.14
C GLN A 388 -25.14 -8.04 -0.32
N GLU A 389 -23.93 -8.02 -0.91
CA GLU A 389 -23.40 -6.75 -1.37
C GLU A 389 -24.12 -6.27 -2.62
N LEU A 390 -24.47 -7.20 -3.52
CA LEU A 390 -25.17 -6.84 -4.73
C LEU A 390 -26.67 -6.72 -4.54
N ALA A 391 -27.18 -7.15 -3.40
CA ALA A 391 -28.61 -7.04 -3.14
C ALA A 391 -29.39 -7.89 -4.14
N ILE A 392 -28.90 -9.10 -4.38
CA ILE A 392 -29.60 -10.00 -5.28
C ILE A 392 -29.84 -11.29 -4.52
N PRO A 393 -30.70 -12.17 -5.02
CA PRO A 393 -30.89 -13.46 -4.38
C PRO A 393 -29.61 -14.26 -4.39
N TYR A 394 -29.46 -15.07 -3.35
CA TYR A 394 -28.36 -16.04 -3.23
C TYR A 394 -28.11 -16.77 -4.54
N GLU A 395 -29.16 -17.30 -5.16
CA GLU A 395 -29.00 -18.08 -6.38
C GLU A 395 -28.44 -17.24 -7.54
N GLU A 396 -28.77 -15.95 -7.60
CA GLU A 396 -28.20 -15.10 -8.65
C GLU A 396 -26.72 -14.84 -8.40
N ALA A 397 -26.30 -14.87 -7.14
CA ALA A 397 -24.89 -14.63 -6.87
C ALA A 397 -24.07 -15.87 -7.22
N GLN A 398 -24.52 -17.07 -6.86
CA GLN A 398 -23.82 -18.28 -7.29
C GLN A 398 -23.69 -18.26 -8.80
N ALA A 399 -24.75 -17.84 -9.49
CA ALA A 399 -24.73 -17.89 -10.95
C ALA A 399 -23.69 -16.94 -11.54
N PHE A 400 -23.55 -15.75 -10.93
CA PHE A 400 -22.53 -14.81 -11.39
C PHE A 400 -21.13 -15.38 -11.17
N ILE A 401 -20.90 -15.98 -10.01
CA ILE A 401 -19.58 -16.53 -9.73
C ILE A 401 -19.26 -17.64 -10.73
N GLU A 402 -20.22 -18.55 -10.97
CA GLU A 402 -19.99 -19.62 -11.94
C GLU A 402 -19.70 -19.09 -13.34
N ARG A 403 -20.46 -18.09 -13.79
CA ARG A 403 -20.25 -17.56 -15.14
C ARG A 403 -18.91 -16.83 -15.23
N TYR A 404 -18.60 -15.97 -14.26
CA TYR A 404 -17.28 -15.35 -14.15
C TYR A 404 -16.16 -16.32 -14.45
N PHE A 405 -16.11 -17.44 -13.75
CA PHE A 405 -14.99 -18.36 -13.89
C PHE A 405 -15.06 -19.19 -15.17
N GLN A 406 -16.26 -19.55 -15.59
CA GLN A 406 -16.37 -20.30 -16.82
C GLN A 406 -16.04 -19.42 -18.03
N SER A 407 -16.25 -18.11 -17.92
CA SER A 407 -15.72 -17.17 -18.91
C SER A 407 -14.23 -17.41 -19.16
N PHE A 408 -13.48 -17.65 -18.09
CA PHE A 408 -12.01 -17.76 -18.16
C PHE A 408 -11.60 -19.08 -17.53
N PRO A 409 -11.80 -20.18 -18.27
CA PRO A 409 -11.76 -21.52 -17.66
C PRO A 409 -10.39 -21.93 -17.16
N LYS A 410 -9.32 -21.42 -17.73
CA LYS A 410 -7.98 -21.80 -17.31
C LYS A 410 -7.60 -21.16 -15.98
N VAL A 411 -8.42 -20.29 -15.41
CA VAL A 411 -8.02 -19.61 -14.18
C VAL A 411 -8.10 -20.57 -13.00
N ARG A 412 -9.20 -21.33 -12.91
CA ARG A 412 -9.31 -22.31 -11.84
C ARG A 412 -8.21 -23.35 -11.97
N ALA A 413 -7.81 -23.69 -13.20
CA ALA A 413 -6.69 -24.61 -13.38
C ALA A 413 -5.43 -24.03 -12.80
N TRP A 414 -5.24 -22.73 -13.02
CA TRP A 414 -4.07 -22.08 -12.47
C TRP A 414 -4.12 -22.00 -10.96
N ILE A 415 -5.31 -21.72 -10.40
CA ILE A 415 -5.39 -21.73 -8.94
C ILE A 415 -4.97 -23.08 -8.39
N GLU A 416 -5.44 -24.17 -8.98
CA GLU A 416 -5.13 -25.46 -8.35
C GLU A 416 -3.68 -25.85 -8.55
N LYS A 417 -3.06 -25.47 -9.67
CA LYS A 417 -1.63 -25.73 -9.82
C LYS A 417 -0.82 -24.92 -8.80
N THR A 418 -1.23 -23.68 -8.61
CA THR A 418 -0.58 -22.83 -7.61
C THR A 418 -0.67 -23.46 -6.22
N LEU A 419 -1.87 -23.87 -5.82
CA LEU A 419 -2.02 -24.46 -4.50
C LEU A 419 -1.21 -25.75 -4.37
N GLU A 420 -1.30 -26.61 -5.39
CA GLU A 420 -0.60 -27.89 -5.32
C GLU A 420 0.91 -27.69 -5.20
N GLU A 421 1.49 -26.84 -6.03
CA GLU A 421 2.92 -26.59 -5.86
C GLU A 421 3.18 -25.88 -4.54
N GLY A 422 2.17 -25.20 -4.01
CA GLY A 422 2.35 -24.57 -2.73
C GLY A 422 2.29 -25.57 -1.59
N ARG A 423 1.49 -26.63 -1.73
CA ARG A 423 1.52 -27.65 -0.68
C ARG A 423 2.87 -28.34 -0.64
N ARG A 424 3.43 -28.63 -1.81
CA ARG A 424 4.64 -29.43 -1.90
C ARG A 424 5.84 -28.66 -1.40
N ARG A 425 5.98 -27.41 -1.85
CA ARG A 425 7.16 -26.62 -1.57
C ARG A 425 7.02 -25.77 -0.32
N GLY A 426 5.80 -25.56 0.18
CA GLY A 426 5.60 -24.74 1.35
C GLY A 426 5.53 -23.25 1.07
N TYR A 427 5.83 -22.80 -0.15
CA TYR A 427 5.65 -21.42 -0.53
C TYR A 427 5.04 -21.35 -1.92
N VAL A 428 4.59 -20.16 -2.25
CA VAL A 428 4.13 -19.77 -3.57
C VAL A 428 5.01 -18.57 -4.00
N GLU A 429 4.98 -18.25 -5.29
CA GLU A 429 5.95 -17.31 -5.81
C GLU A 429 5.31 -16.50 -6.93
N THR A 430 5.89 -15.31 -7.13
CA THR A 430 5.51 -14.42 -8.21
C THR A 430 6.24 -14.82 -9.49
N LEU A 431 5.95 -14.09 -10.57
CA LEU A 431 6.61 -14.30 -11.85
C LEU A 431 8.11 -14.20 -11.74
N PHE A 432 8.61 -13.32 -10.88
CA PHE A 432 10.02 -13.09 -10.73
C PHE A 432 10.65 -13.90 -9.62
N GLY A 433 9.90 -14.81 -9.03
CA GLY A 433 10.43 -15.66 -8.00
C GLY A 433 10.34 -15.12 -6.59
N ARG A 434 9.63 -14.01 -6.35
CA ARG A 434 9.39 -13.58 -4.97
C ARG A 434 8.52 -14.62 -4.28
N ARG A 435 8.87 -14.97 -3.03
CA ARG A 435 8.18 -16.06 -2.33
C ARG A 435 7.39 -15.56 -1.14
N ARG A 436 6.32 -16.30 -0.86
CA ARG A 436 5.60 -16.18 0.39
C ARG A 436 5.43 -17.59 0.93
N TYR A 437 5.89 -17.82 2.16
CA TYR A 437 5.65 -19.11 2.81
C TYR A 437 4.23 -19.19 3.32
N VAL A 438 3.53 -20.24 2.90
CA VAL A 438 2.18 -20.41 3.40
C VAL A 438 2.05 -21.80 4.02
N PRO A 439 2.34 -21.94 5.29
CA PRO A 439 1.95 -23.18 5.96
C PRO A 439 0.45 -23.23 6.01
N ASP A 440 -0.11 -24.31 6.50
CA ASP A 440 -1.54 -24.42 6.74
C ASP A 440 -2.26 -24.76 5.47
N LEU A 441 -1.57 -24.82 4.32
CA LEU A 441 -2.20 -25.39 3.12
C LEU A 441 -2.64 -26.81 3.36
N GLU A 442 -2.01 -27.49 4.31
CA GLU A 442 -2.35 -28.85 4.68
C GLU A 442 -2.93 -28.92 6.11
N ALA A 443 -3.41 -27.81 6.63
CA ALA A 443 -4.06 -27.81 7.94
C ALA A 443 -5.25 -28.76 7.94
N ARG A 444 -5.56 -29.29 9.11
CA ARG A 444 -6.63 -30.28 9.22
C ARG A 444 -7.97 -29.66 9.58
N VAL A 445 -8.01 -28.36 9.82
CA VAL A 445 -9.27 -27.66 10.06
C VAL A 445 -9.63 -26.96 8.76
N LYS A 446 -10.81 -27.28 8.21
CA LYS A 446 -11.08 -26.87 6.85
C LYS A 446 -11.03 -25.36 6.73
N SER A 447 -11.71 -24.66 7.62
CA SER A 447 -11.69 -23.20 7.60
C SER A 447 -10.28 -22.62 7.57
N VAL A 448 -9.38 -23.16 8.37
CA VAL A 448 -8.01 -22.64 8.41
C VAL A 448 -7.30 -22.92 7.08
N ARG A 449 -7.50 -24.12 6.54
CA ARG A 449 -6.86 -24.50 5.29
C ARG A 449 -7.39 -23.64 4.14
N GLU A 450 -8.71 -23.42 4.10
CA GLU A 450 -9.25 -22.65 2.98
C GLU A 450 -8.86 -21.18 3.10
N ALA A 451 -8.62 -20.66 4.30
CA ALA A 451 -8.09 -19.29 4.37
C ALA A 451 -6.68 -19.23 3.83
N ALA A 452 -5.85 -20.22 4.18
CA ALA A 452 -4.49 -20.28 3.69
C ALA A 452 -4.48 -20.36 2.16
N GLU A 453 -5.43 -21.13 1.58
CA GLU A 453 -5.53 -21.23 0.13
C GLU A 453 -5.81 -19.87 -0.50
N ARG A 454 -6.68 -19.06 0.12
CA ARG A 454 -6.99 -17.78 -0.52
C ARG A 454 -5.79 -16.86 -0.42
N LYS A 455 -5.07 -16.90 0.71
CA LYS A 455 -3.79 -16.20 0.82
C LYS A 455 -2.81 -16.65 -0.25
N ALA A 456 -2.75 -17.96 -0.45
CA ALA A 456 -1.69 -18.53 -1.30
C ALA A 456 -1.91 -18.19 -2.76
N PHE A 457 -3.14 -18.26 -3.25
CA PHE A 457 -3.27 -18.00 -4.69
C PHE A 457 -3.44 -16.52 -5.00
N ASN A 458 -3.72 -15.69 -4.00
CA ASN A 458 -3.67 -14.25 -4.24
C ASN A 458 -2.24 -13.77 -4.41
N MET A 459 -1.28 -14.35 -3.69
CA MET A 459 0.05 -13.73 -3.62
C MET A 459 0.73 -13.66 -4.98
N PRO A 460 0.75 -14.72 -5.78
CA PRO A 460 1.40 -14.58 -7.09
C PRO A 460 0.83 -13.47 -7.94
N VAL A 461 -0.47 -13.19 -7.87
CA VAL A 461 -1.04 -12.16 -8.76
C VAL A 461 -0.77 -10.77 -8.20
N GLN A 462 -1.05 -10.57 -6.93
CA GLN A 462 -0.81 -9.30 -6.29
C GLN A 462 0.68 -9.01 -6.23
N GLY A 463 1.50 -10.03 -6.00
CA GLY A 463 2.92 -9.80 -5.87
C GLY A 463 3.62 -9.57 -7.18
N THR A 464 3.14 -10.22 -8.25
CA THR A 464 3.71 -9.97 -9.55
C THR A 464 3.44 -8.55 -9.98
N ALA A 465 2.20 -8.09 -9.77
CA ALA A 465 1.85 -6.69 -10.02
C ALA A 465 2.72 -5.75 -9.19
N ALA A 466 3.07 -6.15 -7.97
CA ALA A 466 3.97 -5.33 -7.15
C ALA A 466 5.39 -5.34 -7.72
N ASP A 467 5.88 -6.49 -8.17
CA ASP A 467 7.19 -6.56 -8.81
C ASP A 467 7.24 -5.64 -10.03
N LEU A 468 6.20 -5.67 -10.85
CA LEU A 468 6.17 -4.88 -12.08
C LEU A 468 6.21 -3.40 -11.75
N MET A 469 5.48 -2.99 -10.72
CA MET A 469 5.46 -1.56 -10.41
C MET A 469 6.80 -1.10 -9.86
N LYS A 470 7.41 -1.91 -8.98
CA LYS A 470 8.72 -1.60 -8.42
C LYS A 470 9.77 -1.50 -9.52
N LEU A 471 9.71 -2.43 -10.47
CA LEU A 471 10.70 -2.42 -11.53
C LEU A 471 10.53 -1.17 -12.39
N ALA A 472 9.28 -0.79 -12.67
CA ALA A 472 9.02 0.43 -13.39
C ALA A 472 9.52 1.65 -12.65
N MET A 473 9.27 1.74 -11.34
CA MET A 473 9.82 2.85 -10.57
C MET A 473 11.33 2.92 -10.74
N VAL A 474 11.99 1.79 -10.67
CA VAL A 474 13.45 1.77 -10.79
C VAL A 474 13.87 2.24 -12.19
N LYS A 475 13.15 1.81 -13.23
CA LYS A 475 13.52 2.25 -14.57
C LYS A 475 13.17 3.72 -14.78
N LEU A 476 12.02 4.17 -14.27
CA LEU A 476 11.56 5.52 -14.58
C LEU A 476 12.35 6.59 -13.83
N PHE A 477 12.81 6.29 -12.61
CA PHE A 477 13.35 7.36 -11.75
C PHE A 477 14.49 8.13 -12.41
N PRO A 478 15.51 7.51 -12.99
CA PRO A 478 16.59 8.31 -13.60
C PRO A 478 16.12 9.17 -14.75
N ARG A 479 15.19 8.67 -15.56
CA ARG A 479 14.65 9.48 -16.63
C ARG A 479 13.95 10.74 -16.10
N LEU A 480 13.24 10.63 -14.96
CA LEU A 480 12.57 11.82 -14.41
C LEU A 480 13.59 12.86 -13.98
N GLU A 481 14.59 12.46 -13.19
CA GLU A 481 15.67 13.35 -12.83
C GLU A 481 16.15 14.14 -14.05
N GLU A 482 16.54 13.43 -15.11
CA GLU A 482 17.08 14.10 -16.30
C GLU A 482 16.08 15.11 -16.87
N MET A 483 14.78 14.90 -16.68
CA MET A 483 13.75 15.79 -17.18
C MET A 483 13.36 16.88 -16.18
N GLY A 484 13.96 16.89 -14.98
CA GLY A 484 13.59 17.87 -13.98
C GLY A 484 12.27 17.61 -13.28
N ALA A 485 11.74 16.39 -13.38
CA ALA A 485 10.50 16.00 -12.71
C ALA A 485 10.80 15.15 -11.49
N ARG A 486 9.77 14.96 -10.67
CA ARG A 486 9.90 14.32 -9.37
C ARG A 486 8.90 13.18 -9.26
N MET A 487 9.27 12.13 -8.54
CA MET A 487 8.33 11.08 -8.18
C MET A 487 7.90 11.31 -6.76
N LEU A 488 6.59 11.36 -6.51
CA LEU A 488 6.08 11.68 -5.18
C LEU A 488 5.47 10.49 -4.46
N LEU A 489 4.56 9.80 -5.09
CA LEU A 489 3.81 8.74 -4.41
C LEU A 489 3.69 7.53 -5.30
N GLN A 490 3.65 6.37 -4.65
CA GLN A 490 3.22 5.10 -5.24
C GLN A 490 2.01 4.64 -4.44
N VAL A 491 0.99 4.19 -5.15
CA VAL A 491 -0.26 3.68 -4.57
C VAL A 491 -0.55 2.35 -5.25
N HIS A 492 0.39 1.42 -5.09
CA HIS A 492 0.39 0.03 -5.54
C HIS A 492 0.47 -0.18 -7.05
N ASP A 493 -0.47 0.36 -7.83
CA ASP A 493 -0.38 0.27 -9.28
C ASP A 493 -0.43 1.66 -9.90
N GLU A 494 -0.16 2.68 -9.09
CA GLU A 494 -0.21 4.07 -9.53
C GLU A 494 1.02 4.80 -9.05
N LEU A 495 1.50 5.71 -9.90
CA LEU A 495 2.52 6.69 -9.55
C LEU A 495 1.93 8.06 -9.72
N VAL A 496 2.25 8.94 -8.78
CA VAL A 496 1.97 10.34 -8.90
C VAL A 496 3.33 11.06 -9.00
N LEU A 497 3.47 11.83 -10.05
CA LEU A 497 4.68 12.60 -10.28
C LEU A 497 4.35 14.08 -10.21
N GLU A 498 5.40 14.89 -10.03
CA GLU A 498 5.30 16.34 -10.12
C GLU A 498 6.25 16.80 -11.23
N ALA A 499 5.75 17.59 -12.18
CA ALA A 499 6.62 17.99 -13.28
C ALA A 499 6.49 19.47 -13.57
N PRO A 500 7.57 20.15 -13.88
CA PRO A 500 7.44 21.53 -14.36
C PRO A 500 6.37 21.62 -15.45
N LYS A 501 5.54 22.68 -15.39
CA LYS A 501 4.45 22.81 -16.35
C LYS A 501 4.94 22.67 -17.80
N GLU A 502 6.12 23.21 -18.10
CA GLU A 502 6.58 23.19 -19.48
C GLU A 502 7.07 21.82 -19.93
N ARG A 503 7.31 20.89 -19.00
CA ARG A 503 7.72 19.54 -19.34
C ARG A 503 6.64 18.52 -18.99
N ALA A 504 5.55 18.96 -18.37
CA ALA A 504 4.58 18.00 -17.86
C ALA A 504 4.12 17.06 -18.96
N GLU A 505 3.93 17.56 -20.17
CA GLU A 505 3.36 16.71 -21.22
C GLU A 505 4.34 15.62 -21.65
N ALA A 506 5.60 15.99 -21.87
CA ALA A 506 6.61 15.01 -22.23
C ALA A 506 6.85 14.03 -21.11
N VAL A 507 6.71 14.46 -19.86
CA VAL A 507 6.91 13.55 -18.74
C VAL A 507 5.81 12.51 -18.71
N ALA A 508 4.57 12.93 -18.96
CA ALA A 508 3.46 11.99 -18.95
C ALA A 508 3.63 10.94 -20.04
N ARG A 509 3.92 11.39 -21.25
CA ARG A 509 4.11 10.44 -22.34
C ARG A 509 5.24 9.48 -22.00
N LEU A 510 6.37 10.01 -21.54
CA LEU A 510 7.51 9.15 -21.22
C LEU A 510 7.18 8.18 -20.09
N ALA A 511 6.52 8.66 -19.05
CA ALA A 511 6.24 7.76 -17.91
C ALA A 511 5.28 6.64 -18.29
N LYS A 512 4.26 6.97 -19.08
CA LYS A 512 3.36 5.97 -19.63
C LYS A 512 4.13 4.89 -20.37
N GLU A 513 5.09 5.29 -21.21
CA GLU A 513 5.78 4.29 -22.04
C GLU A 513 6.65 3.41 -21.17
N VAL A 514 7.37 3.98 -20.21
CA VAL A 514 8.20 3.12 -19.38
C VAL A 514 7.31 2.14 -18.60
N MET A 515 6.22 2.64 -18.05
CA MET A 515 5.37 1.73 -17.24
C MET A 515 4.73 0.65 -18.10
N GLU A 516 4.31 0.98 -19.32
CA GLU A 516 3.67 -0.01 -20.19
C GLU A 516 4.68 -1.02 -20.69
N GLY A 517 5.95 -0.59 -20.86
CA GLY A 517 7.00 -1.43 -21.39
C GLY A 517 7.89 -2.07 -20.35
N VAL A 518 7.53 -2.02 -19.06
CA VAL A 518 8.47 -2.44 -18.02
C VAL A 518 8.93 -3.90 -18.19
N TYR A 519 8.08 -4.78 -18.74
CA TYR A 519 8.37 -6.19 -18.81
C TYR A 519 7.27 -6.80 -19.68
N PRO A 520 7.49 -6.95 -20.98
CA PRO A 520 6.44 -7.44 -21.86
C PRO A 520 5.86 -8.76 -21.39
N LEU A 521 4.54 -8.83 -21.37
CA LEU A 521 3.79 -10.01 -20.97
C LEU A 521 2.97 -10.51 -22.15
N ALA A 522 2.24 -11.63 -21.94
CA ALA A 522 1.41 -12.19 -22.98
C ALA A 522 0.19 -11.35 -23.24
N VAL A 523 0.10 -10.24 -22.52
CA VAL A 523 -0.97 -9.29 -22.70
C VAL A 523 -0.38 -7.89 -22.61
N PRO A 524 -0.89 -6.94 -23.39
CA PRO A 524 -0.44 -5.55 -23.25
C PRO A 524 -0.69 -5.06 -21.84
N LEU A 525 0.25 -4.30 -21.29
CA LEU A 525 -0.02 -3.46 -20.14
C LEU A 525 -0.39 -2.08 -20.65
N GLU A 526 -1.54 -1.60 -20.20
CA GLU A 526 -2.00 -0.27 -20.55
C GLU A 526 -2.03 0.58 -19.30
N VAL A 527 -1.67 1.85 -19.45
CA VAL A 527 -1.61 2.78 -18.34
C VAL A 527 -2.46 3.99 -18.68
N GLU A 528 -3.32 4.41 -17.74
CA GLU A 528 -4.08 5.65 -17.89
C GLU A 528 -3.33 6.80 -17.23
N VAL A 529 -3.19 7.93 -17.96
CA VAL A 529 -2.37 9.04 -17.50
C VAL A 529 -3.23 10.29 -17.50
N GLY A 530 -3.09 11.08 -16.44
CA GLY A 530 -3.78 12.34 -16.35
C GLY A 530 -2.84 13.39 -15.79
N ILE A 531 -3.17 14.64 -16.08
CA ILE A 531 -2.39 15.80 -15.63
C ILE A 531 -3.35 16.80 -15.03
N GLY A 532 -2.97 17.38 -13.88
CA GLY A 532 -3.81 18.37 -13.23
C GLY A 532 -3.06 19.09 -12.14
N GLU A 533 -3.64 20.21 -11.69
CA GLU A 533 -3.16 20.94 -10.53
C GLU A 533 -3.41 20.17 -9.23
N ASP A 534 -4.25 19.15 -9.25
CA ASP A 534 -4.53 18.41 -8.03
C ASP A 534 -4.76 16.95 -8.36
N TRP A 535 -4.60 16.11 -7.33
CA TRP A 535 -4.58 14.66 -7.53
C TRP A 535 -5.87 14.15 -8.15
N LEU A 536 -7.02 14.71 -7.75
CA LEU A 536 -8.28 14.29 -8.36
C LEU A 536 -8.33 14.66 -9.83
N SER A 537 -8.05 15.93 -10.15
CA SER A 537 -8.18 16.34 -11.54
C SER A 537 -7.14 15.64 -12.42
N ALA A 538 -6.06 15.15 -11.82
CA ALA A 538 -5.04 14.40 -12.55
C ALA A 538 -5.44 12.97 -12.91
N LYS A 539 -6.60 12.48 -12.48
CA LYS A 539 -7.00 11.12 -12.77
C LYS A 539 -8.26 11.09 -13.63
N GLU A 540 -8.49 12.14 -14.41
CA GLU A 540 -9.71 12.26 -15.19
C GLU A 540 -9.35 12.67 -16.61
P DDG B 12 -8.17 3.43 -4.69
OP1 DDG B 12 -7.88 4.51 -5.74
OP2 DDG B 12 -9.55 2.74 -4.85
O5' DDG B 12 -7.08 2.32 -4.68
C5' DDG B 12 -5.67 2.63 -4.65
C4' DDG B 12 -4.89 1.34 -4.61
O4' DDG B 12 -5.11 0.64 -3.37
C3' DDG B 12 -5.34 0.34 -5.67
C2' DDG B 12 -4.83 -0.98 -5.07
C1' DDG B 12 -5.08 -0.78 -3.59
N9 DDG B 12 -6.38 -1.33 -3.15
C8 DDG B 12 -7.59 -0.69 -3.04
N7 DDG B 12 -8.55 -1.45 -2.52
C5 DDG B 12 -7.91 -2.67 -2.27
C6 DDG B 12 -8.38 -3.86 -1.67
O6 DDG B 12 -9.45 -4.02 -1.12
N1 DDG B 12 -7.43 -4.86 -1.66
C2 DDG B 12 -6.16 -4.72 -2.14
N2 DDG B 12 -5.34 -5.76 -2.00
N3 DDG B 12 -5.70 -3.61 -2.68
C4 DDG B 12 -6.61 -2.63 -2.69
H5' DDG B 12 -5.48 3.23 -3.76
H5'' DDG B 12 -5.44 3.25 -5.51
H4' DDG B 12 -3.83 1.53 -4.67
H3'1 DDG B 12 -4.92 0.55 -6.66
H3'2 DDG B 12 -6.43 0.30 -5.82
H2' DDG B 12 -3.76 -1.12 -5.27
H2'' DDG B 12 -5.30 -1.86 -5.49
H1' DDG B 12 -4.30 -1.19 -2.94
H8 DDG B 12 -7.75 0.34 -3.36
H1 DDG B 12 -7.73 -5.74 -1.25
H21 DDG B 12 -5.67 -6.61 -1.53
H22 DDG B 12 -4.38 -5.78 -2.31
MG MG D . -5.31 0.37 -11.84
MG MG E . -4.81 2.22 -8.94
N1 DCP F . -7.28 -4.58 -5.83
C2 DCP F . -7.92 -5.58 -5.10
N3 DCP F . -9.15 -5.34 -4.61
C4 DCP F . -9.74 -4.15 -4.79
C5 DCP F . -9.10 -3.11 -5.55
C6 DCP F . -7.88 -3.36 -6.03
O2 DCP F . -7.35 -6.68 -4.97
N4 DCP F . -10.92 -3.94 -4.21
C1' DCP F . -6.07 -4.96 -6.56
C2' DCP F . -6.38 -5.54 -7.93
C3' DCP F . -6.29 -4.33 -8.84
C4' DCP F . -5.12 -3.59 -8.22
O4' DCP F . -5.31 -3.76 -6.79
O3' DCP F . -5.97 -4.70 -10.19
C5' DCP F . -5.02 -2.13 -8.59
O5' DCP F . -6.22 -1.44 -8.19
PA DCP F . -7.02 -0.45 -9.07
O1A DCP F . -6.09 0.43 -9.86
O2A DCP F . -8.05 0.28 -8.28
O3A DCP F . -7.79 -1.42 -10.06
PB DCP F . -7.44 -1.84 -11.55
O1B DCP F . -6.00 -1.62 -11.83
O2B DCP F . -7.65 -3.36 -11.72
O3B DCP F . -8.52 -1.05 -12.41
PG DCP F . -8.37 0.37 -13.13
O1G DCP F . -7.05 0.96 -12.80
O2G DCP F . -8.42 0.01 -14.62
O3G DCP F . -9.52 1.21 -12.67
H5 DCP F . -9.59 -2.16 -5.74
H6 DCP F . -7.32 -2.61 -6.57
HN41 DCP F . -11.37 -4.67 -3.68
HN42 DCP F . -11.36 -3.02 -4.30
H1' DCP F . -5.45 -5.61 -5.94
H2'1 DCP F . -7.34 -6.05 -7.99
H2'2 DCP F . -5.64 -6.29 -8.23
H3' DCP F . -7.22 -3.76 -8.86
H4' DCP F . -4.18 -4.07 -8.46
HO3' DCP F . -6.32 -5.63 -10.30
H5'1 DCP F . -4.89 -1.98 -9.66
H5'2 DCP F . -4.17 -1.67 -8.09
MG MG G . -6.85 -5.12 13.33
C1 GOL H . -13.30 -3.78 1.57
O1 GOL H . -12.74 -2.58 1.98
C2 GOL H . -13.45 -3.77 0.00
O2 GOL H . -13.73 -5.05 -0.50
C3 GOL H . -12.07 -3.27 -0.56
O3 GOL H . -12.23 -2.02 -1.12
H11 GOL H . -14.16 -3.95 1.97
H12 GOL H . -12.74 -4.54 1.84
H2 GOL H . -14.17 -3.20 -0.28
HO2 GOL H . -13.09 -5.30 -0.99
H31 GOL H . -11.73 -3.93 -1.19
H32 GOL H . -11.41 -3.27 0.16
#